data_5SAP
#
_entry.id   5SAP
#
_cell.length_a   45.410
_cell.length_b   73.490
_cell.length_c   53.150
_cell.angle_alpha   90.000
_cell.angle_beta   110.147
_cell.angle_gamma   90.000
#
_symmetry.space_group_name_H-M   'P 1 21 1'
#
loop_
_entity.id
_entity.type
_entity.pdbx_description
1 polymer Endothiapepsin
2 non-polymer (8S)-5-(2-aminopyrimidin-4-yl)-N-[2-(dimethylamino)ethyl]-4,5,6,7-tetrahydropyrazolo[1,5-a]pyrazine-2-carboxamide
3 non-polymer 1,2-ETHANEDIOL
4 non-polymer GLYCEROL
5 water water
#
_entity_poly.entity_id   1
_entity_poly.type   'polypeptide(L)'
_entity_poly.pdbx_seq_one_letter_code
;MSSPLKNALVTAMLAGGALSSPTKQHVGIPVNASPEVGPGKYSFKQVRNPNYKFNGPLSVKKTYLKYGVPIPAWLEDAVQ
NSTSGLAERSTGSATTTPIDSLDDAYITPVQIGTPAQTLNLDFDTGSSDLWVFSSETTASEVDGQTIYTPSKSTTAKLLS
GATWSISYGDGSSSSGDVYTDTVSVGGLTVTGQAVESAKKVSSSFTEDSTIDGLLGLAFSTLNTVSPTQQKTFFDNAKAS
LDSPVFTADLGYHAPGTYNFGFIDTTAYTGSITYTAVSTKQGFWEWTSTGYAVGSGTFKSTSIDGIADTGTTLLYLPATV
VSAYWAQVSGAKSSSSVGGYVFPCSATLPSFTFGVGSARIVIPGDYIDFGPISTGSSSCFGGIQSSAGIGINIFGDVALK
AAFVVFNGATTPTLGFASK
;
_entity_poly.pdbx_strand_id   A
#
# COMPACT_ATOMS: atom_id res chain seq x y z
N SER A 90 -17.56 5.30 15.84
CA SER A 90 -17.89 4.54 14.60
C SER A 90 -16.73 3.64 14.22
N THR A 91 -17.02 2.69 13.34
CA THR A 91 -16.01 1.83 12.74
C THR A 91 -16.38 1.56 11.29
N GLY A 92 -15.41 1.04 10.54
CA GLY A 92 -15.69 0.48 9.23
C GLY A 92 -14.84 -0.76 9.01
N SER A 93 -15.29 -1.61 8.09
CA SER A 93 -14.57 -2.86 7.78
C SER A 93 -14.86 -3.21 6.33
N ALA A 94 -13.81 -3.34 5.51
CA ALA A 94 -13.97 -3.63 4.09
C ALA A 94 -12.99 -4.72 3.70
N THR A 95 -13.42 -5.60 2.80
CA THR A 95 -12.55 -6.63 2.25
C THR A 95 -11.68 -6.03 1.16
N THR A 96 -10.41 -6.42 1.16
CA THR A 96 -9.46 -6.05 0.13
C THR A 96 -9.04 -7.32 -0.62
N THR A 97 -8.95 -7.21 -1.95
CA THR A 97 -8.83 -8.36 -2.83
C THR A 97 -7.64 -8.17 -3.76
N PRO A 98 -6.78 -9.17 -3.93
CA PRO A 98 -5.70 -9.03 -4.92
CA PRO A 98 -5.70 -9.05 -4.92
C PRO A 98 -6.26 -8.85 -6.31
N ILE A 99 -5.58 -8.02 -7.12
CA ILE A 99 -6.06 -7.73 -8.46
C ILE A 99 -5.77 -8.85 -9.45
N ASP A 100 -4.86 -9.76 -9.13
CA ASP A 100 -4.41 -10.79 -10.04
C ASP A 100 -3.81 -11.93 -9.22
N SER A 101 -3.37 -12.98 -9.92
CA SER A 101 -2.90 -14.21 -9.29
C SER A 101 -1.55 -14.05 -8.60
N LEU A 102 -0.88 -12.92 -8.79
CA LEU A 102 0.42 -12.65 -8.21
C LEU A 102 0.35 -11.68 -7.05
N ASP A 103 -0.84 -11.21 -6.69
CA ASP A 103 -0.98 -10.21 -5.64
C ASP A 103 -0.21 -8.94 -6.01
N ASP A 104 -0.33 -8.52 -7.28
CA ASP A 104 0.42 -7.35 -7.72
C ASP A 104 -0.07 -6.06 -7.09
N ALA A 105 -1.30 -6.04 -6.58
CA ALA A 105 -1.88 -4.91 -5.85
C ALA A 105 -3.19 -5.42 -5.27
N TYR A 106 -3.82 -4.61 -4.43
CA TYR A 106 -5.06 -4.94 -3.76
C TYR A 106 -6.08 -3.83 -3.97
N ILE A 107 -7.34 -4.22 -4.19
CA ILE A 107 -8.43 -3.26 -4.37
C ILE A 107 -9.49 -3.46 -3.29
N THR A 108 -10.09 -2.34 -2.89
CA THR A 108 -11.08 -2.29 -1.84
C THR A 108 -12.23 -1.43 -2.34
N PRO A 109 -13.48 -1.89 -2.22
CA PRO A 109 -14.60 -1.10 -2.73
C PRO A 109 -14.86 0.11 -1.84
N VAL A 110 -15.17 1.24 -2.48
CA VAL A 110 -15.40 2.52 -1.82
C VAL A 110 -16.63 3.15 -2.44
N GLN A 111 -17.56 3.61 -1.61
CA GLN A 111 -18.77 4.28 -2.08
C GLN A 111 -18.55 5.79 -2.09
N ILE A 112 -18.80 6.42 -3.24
CA ILE A 112 -18.59 7.84 -3.41
C ILE A 112 -19.89 8.46 -3.93
N GLY A 113 -20.36 9.52 -3.29
CA GLY A 113 -21.48 10.28 -3.80
C GLY A 113 -22.83 9.76 -3.41
N THR A 114 -23.85 10.48 -3.91
CA THR A 114 -25.25 10.19 -3.63
C THR A 114 -26.05 10.28 -4.92
N PRO A 115 -26.70 9.20 -5.37
CA PRO A 115 -26.57 7.82 -4.85
C PRO A 115 -25.12 7.33 -4.97
N ALA A 116 -24.80 6.29 -4.23
CA ALA A 116 -23.43 5.80 -4.19
C ALA A 116 -22.97 5.36 -5.57
N GLN A 117 -21.72 5.71 -5.89
CA GLN A 117 -20.97 5.16 -7.00
C GLN A 117 -19.83 4.36 -6.39
N THR A 118 -19.82 3.05 -6.60
CA THR A 118 -18.81 2.20 -5.98
C THR A 118 -17.64 2.04 -6.95
N LEU A 119 -16.46 2.44 -6.48
CA LEU A 119 -15.21 2.29 -7.22
C LEU A 119 -14.27 1.43 -6.41
N ASN A 120 -13.40 0.68 -7.10
CA ASN A 120 -12.45 -0.20 -6.42
C ASN A 120 -11.09 0.49 -6.37
N LEU A 121 -10.70 0.92 -5.17
CA LEU A 121 -9.53 1.76 -5.00
C LEU A 121 -8.39 0.99 -4.36
N ASP A 122 -7.18 1.42 -4.68
CA ASP A 122 -5.94 0.89 -4.14
C ASP A 122 -5.60 1.70 -2.89
N PHE A 123 -5.80 1.10 -1.72
CA PHE A 123 -5.52 1.76 -0.46
C PHE A 123 -4.01 1.82 -0.26
N ASP A 124 -3.48 3.03 -0.09
CA ASP A 124 -2.04 3.28 -0.23
C ASP A 124 -1.53 4.04 0.99
N THR A 125 -0.92 3.32 1.94
CA THR A 125 -0.35 3.98 3.11
C THR A 125 0.93 4.75 2.81
N GLY A 126 1.39 4.77 1.57
CA GLY A 126 2.50 5.58 1.15
C GLY A 126 2.16 6.87 0.43
N SER A 127 0.88 7.23 0.30
CA SER A 127 0.51 8.50 -0.31
C SER A 127 -0.75 9.03 0.38
N SER A 128 -1.17 10.25 0.00
CA SER A 128 -2.15 10.98 0.81
C SER A 128 -3.21 11.66 -0.03
N ASP A 129 -3.44 11.16 -1.25
CA ASP A 129 -4.47 11.66 -2.15
C ASP A 129 -5.49 10.56 -2.38
N LEU A 130 -6.78 10.92 -2.35
CA LEU A 130 -7.87 10.05 -2.78
C LEU A 130 -8.23 10.56 -4.16
N TRP A 131 -7.82 9.82 -5.19
CA TRP A 131 -8.10 10.23 -6.55
C TRP A 131 -8.75 9.08 -7.31
N VAL A 132 -9.57 9.45 -8.31
CA VAL A 132 -10.38 8.49 -9.04
C VAL A 132 -10.40 8.79 -10.53
N PHE A 133 -10.47 7.71 -11.32
CA PHE A 133 -10.91 7.82 -12.70
C PHE A 133 -12.31 8.44 -12.71
N SER A 134 -12.59 9.27 -13.71
CA SER A 134 -13.80 10.06 -13.68
C SER A 134 -14.32 10.33 -15.08
N SER A 135 -15.52 10.90 -15.13
CA SER A 135 -16.10 11.38 -16.38
C SER A 135 -15.25 12.47 -17.03
N GLU A 136 -14.31 13.05 -16.29
CA GLU A 136 -13.40 14.08 -16.79
C GLU A 136 -12.10 13.50 -17.32
N THR A 137 -11.83 12.22 -17.11
CA THR A 137 -10.56 11.65 -17.55
C THR A 137 -10.53 11.54 -19.06
N THR A 138 -9.43 12.02 -19.66
CA THR A 138 -9.24 11.90 -21.10
C THR A 138 -9.66 10.51 -21.57
N ALA A 139 -10.56 10.49 -22.57
CA ALA A 139 -11.22 9.24 -22.95
C ALA A 139 -10.21 8.17 -23.33
N SER A 140 -9.18 8.53 -24.11
CA SER A 140 -8.21 7.54 -24.56
C SER A 140 -7.38 6.96 -23.41
N GLU A 141 -7.45 7.56 -22.23
CA GLU A 141 -6.70 7.10 -21.06
C GLU A 141 -7.54 6.25 -20.13
N VAL A 142 -8.79 5.95 -20.50
CA VAL A 142 -9.67 5.07 -19.74
C VAL A 142 -9.80 3.78 -20.54
N ASP A 143 -9.54 2.64 -19.90
CA ASP A 143 -9.62 1.33 -20.54
C ASP A 143 -10.15 0.32 -19.52
N GLY A 144 -11.46 0.38 -19.28
CA GLY A 144 -12.16 -0.60 -18.48
C GLY A 144 -12.41 -0.20 -17.04
N GLN A 145 -11.82 0.88 -16.55
CA GLN A 145 -12.06 1.31 -15.18
C GLN A 145 -13.49 1.80 -15.00
N THR A 146 -13.97 1.67 -13.76
CA THR A 146 -15.20 2.33 -13.36
C THR A 146 -14.89 3.77 -13.01
N ILE A 147 -15.73 4.69 -13.50
CA ILE A 147 -15.49 6.11 -13.35
C ILE A 147 -16.47 6.73 -12.37
N TYR A 148 -16.00 7.76 -11.67
CA TYR A 148 -16.84 8.64 -10.86
C TYR A 148 -17.36 9.76 -11.75
N THR A 149 -18.67 9.98 -11.73
CA THR A 149 -19.30 11.06 -12.48
C THR A 149 -19.88 12.05 -11.47
N PRO A 150 -19.17 13.12 -11.14
CA PRO A 150 -19.68 14.02 -10.09
C PRO A 150 -21.00 14.66 -10.41
N SER A 151 -21.32 14.87 -11.70
CA SER A 151 -22.57 15.52 -12.04
C SER A 151 -23.78 14.67 -11.68
N LYS A 152 -23.59 13.37 -11.48
N LYS A 152 -23.58 13.37 -11.49
CA LYS A 152 -24.66 12.47 -11.06
CA LYS A 152 -24.65 12.46 -11.06
C LYS A 152 -24.76 12.33 -9.55
C LYS A 152 -24.73 12.30 -9.56
N SER A 153 -23.89 13.00 -8.79
CA SER A 153 -23.92 12.94 -7.34
C SER A 153 -24.50 14.23 -6.80
N THR A 154 -25.62 14.12 -6.07
CA THR A 154 -26.27 15.30 -5.56
C THR A 154 -25.52 15.93 -4.40
N THR A 155 -24.54 15.24 -3.82
CA THR A 155 -23.73 15.78 -2.75
C THR A 155 -22.36 16.27 -3.21
N ALA A 156 -22.03 16.12 -4.50
CA ALA A 156 -20.73 16.58 -5.00
C ALA A 156 -20.72 18.10 -5.14
N LYS A 157 -19.61 18.71 -4.76
N LYS A 157 -19.61 18.71 -4.76
CA LYS A 157 -19.38 20.14 -4.91
CA LYS A 157 -19.42 20.14 -4.95
C LYS A 157 -17.99 20.35 -5.47
C LYS A 157 -18.01 20.38 -5.44
N LEU A 158 -17.88 21.11 -6.55
CA LEU A 158 -16.56 21.43 -7.08
C LEU A 158 -15.84 22.30 -6.07
N LEU A 159 -14.59 21.96 -5.75
CA LEU A 159 -13.76 22.76 -4.86
C LEU A 159 -13.08 23.82 -5.71
N SER A 160 -13.54 25.06 -5.55
CA SER A 160 -13.18 26.12 -6.48
CA SER A 160 -13.19 26.12 -6.49
C SER A 160 -11.68 26.37 -6.51
N GLY A 161 -11.11 26.33 -7.73
CA GLY A 161 -9.72 26.64 -7.93
C GLY A 161 -8.75 25.55 -7.58
N ALA A 162 -9.21 24.42 -7.09
CA ALA A 162 -8.31 23.40 -6.57
C ALA A 162 -7.90 22.43 -7.67
N THR A 163 -6.61 22.14 -7.72
CA THR A 163 -6.08 21.13 -8.62
C THR A 163 -5.14 20.23 -7.85
N TRP A 164 -4.80 19.11 -8.46
CA TRP A 164 -3.86 18.16 -7.86
C TRP A 164 -3.02 17.56 -8.96
N SER A 165 -1.85 17.05 -8.57
CA SER A 165 -0.94 16.40 -9.50
C SER A 165 0.05 15.60 -8.68
N ILE A 166 0.18 14.32 -8.98
CA ILE A 166 0.97 13.41 -8.16
C ILE A 166 1.84 12.56 -9.06
N SER A 167 3.05 12.27 -8.58
CA SER A 167 3.96 11.32 -9.20
C SER A 167 4.35 10.31 -8.14
N TYR A 168 4.27 9.04 -8.50
CA TYR A 168 4.64 7.98 -7.58
C TYR A 168 6.06 7.52 -7.88
N GLY A 169 6.69 6.90 -6.88
CA GLY A 169 8.09 6.53 -7.00
C GLY A 169 8.37 5.61 -8.17
N ASP A 170 7.34 4.99 -8.74
CA ASP A 170 7.49 4.04 -9.82
C ASP A 170 7.38 4.67 -11.20
N GLY A 171 7.31 6.00 -11.28
CA GLY A 171 7.24 6.69 -12.55
C GLY A 171 5.85 7.03 -13.02
N SER A 172 4.82 6.54 -12.35
CA SER A 172 3.45 6.79 -12.77
C SER A 172 2.96 8.12 -12.20
N SER A 173 1.88 8.64 -12.78
CA SER A 173 1.40 9.98 -12.42
C SER A 173 -0.05 10.15 -12.82
N SER A 174 -0.68 11.15 -12.21
CA SER A 174 -2.04 11.53 -12.55
C SER A 174 -2.29 12.94 -12.02
N SER A 175 -3.33 13.59 -12.53
CA SER A 175 -3.64 14.96 -12.13
C SER A 175 -5.09 15.29 -12.50
N GLY A 176 -5.60 16.37 -11.89
CA GLY A 176 -6.94 16.82 -12.25
C GLY A 176 -7.46 17.92 -11.34
N ASP A 177 -8.79 17.93 -11.15
CA ASP A 177 -9.49 18.89 -10.30
C ASP A 177 -10.08 18.16 -9.10
N VAL A 178 -10.84 18.87 -8.28
CA VAL A 178 -11.21 18.38 -6.95
C VAL A 178 -12.67 18.68 -6.66
N TYR A 179 -13.38 17.66 -6.18
CA TYR A 179 -14.72 17.80 -5.62
C TYR A 179 -14.65 17.45 -4.13
N THR A 180 -15.61 17.94 -3.37
CA THR A 180 -15.91 17.31 -2.09
C THR A 180 -17.19 16.50 -2.23
N ASP A 181 -17.23 15.36 -1.55
CA ASP A 181 -18.39 14.48 -1.65
C ASP A 181 -18.35 13.53 -0.46
N THR A 182 -19.44 12.79 -0.31
CA THR A 182 -19.54 11.78 0.74
C THR A 182 -18.84 10.51 0.29
N VAL A 183 -18.00 9.97 1.16
CA VAL A 183 -17.22 8.78 0.88
C VAL A 183 -17.41 7.80 2.04
N SER A 184 -17.73 6.55 1.70
CA SER A 184 -17.91 5.52 2.71
C SER A 184 -17.03 4.31 2.39
N VAL A 185 -16.42 3.76 3.43
CA VAL A 185 -15.60 2.56 3.34
C VAL A 185 -16.11 1.57 4.38
N GLY A 186 -16.62 0.44 3.92
CA GLY A 186 -16.98 -0.61 4.86
C GLY A 186 -17.95 -0.16 5.92
N GLY A 187 -18.86 0.76 5.58
CA GLY A 187 -19.82 1.26 6.55
C GLY A 187 -19.44 2.51 7.31
N LEU A 188 -18.22 3.01 7.16
CA LEU A 188 -17.76 4.23 7.80
C LEU A 188 -17.88 5.36 6.80
N THR A 189 -18.59 6.43 7.16
CA THR A 189 -18.90 7.51 6.24
C THR A 189 -18.23 8.81 6.65
N VAL A 190 -17.60 9.49 5.68
CA VAL A 190 -17.07 10.83 5.82
C VAL A 190 -17.82 11.73 4.85
N THR A 191 -18.37 12.83 5.35
CA THR A 191 -18.91 13.85 4.48
C THR A 191 -17.85 14.90 4.20
N GLY A 192 -17.94 15.53 3.05
CA GLY A 192 -16.99 16.58 2.71
C GLY A 192 -15.59 16.10 2.40
N GLN A 193 -15.42 14.84 2.04
CA GLN A 193 -14.10 14.32 1.68
C GLN A 193 -13.68 14.89 0.34
N ALA A 194 -12.41 15.30 0.24
CA ALA A 194 -11.87 15.69 -1.06
C ALA A 194 -11.69 14.46 -1.93
N VAL A 195 -12.37 14.47 -3.08
CA VAL A 195 -12.30 13.42 -4.08
C VAL A 195 -11.64 14.06 -5.29
N GLU A 196 -10.43 13.62 -5.59
CA GLU A 196 -9.61 14.22 -6.63
C GLU A 196 -9.93 13.51 -7.94
N SER A 197 -10.54 14.24 -8.87
CA SER A 197 -11.02 13.68 -10.12
C SER A 197 -9.94 13.79 -11.17
N ALA A 198 -9.56 12.67 -11.77
CA ALA A 198 -8.47 12.69 -12.73
C ALA A 198 -8.92 13.24 -14.07
N LYS A 199 -8.17 14.21 -14.58
CA LYS A 199 -8.25 14.61 -15.98
C LYS A 199 -7.24 13.88 -16.84
N LYS A 200 -6.09 13.52 -16.25
CA LYS A 200 -5.02 12.83 -16.94
C LYS A 200 -4.48 11.75 -16.02
N VAL A 201 -4.18 10.59 -16.61
CA VAL A 201 -3.45 9.52 -15.91
C VAL A 201 -2.39 8.98 -16.85
N SER A 202 -1.32 8.43 -16.27
CA SER A 202 -0.24 7.86 -17.06
C SER A 202 -0.60 6.45 -17.51
N SER A 203 0.23 5.92 -18.41
CA SER A 203 -0.12 4.70 -19.12
C SER A 203 -0.28 3.51 -18.18
N SER A 204 0.53 3.44 -17.12
CA SER A 204 0.40 2.30 -16.21
C SER A 204 -0.95 2.26 -15.53
N PHE A 205 -1.56 3.42 -15.25
CA PHE A 205 -2.90 3.43 -14.70
C PHE A 205 -3.92 3.01 -15.75
N THR A 206 -3.82 3.57 -16.96
CA THR A 206 -4.74 3.18 -18.03
C THR A 206 -4.72 1.68 -18.25
N GLU A 207 -3.55 1.06 -18.16
N GLU A 207 -3.52 1.10 -18.33
CA GLU A 207 -3.36 -0.36 -18.45
CA GLU A 207 -3.39 -0.30 -18.71
C GLU A 207 -3.73 -1.26 -17.27
C GLU A 207 -3.93 -1.24 -17.65
N ASP A 208 -4.17 -0.70 -16.14
N ASP A 208 -4.08 -0.76 -16.41
CA ASP A 208 -4.63 -1.43 -14.97
CA ASP A 208 -4.57 -1.58 -15.32
C ASP A 208 -6.16 -1.32 -14.90
C ASP A 208 -6.05 -1.29 -15.11
N SER A 209 -6.87 -2.15 -15.67
CA SER A 209 -8.32 -1.98 -15.69
C SER A 209 -8.99 -2.25 -14.35
N THR A 210 -8.28 -2.88 -13.41
CA THR A 210 -8.86 -3.29 -12.14
C THR A 210 -8.81 -2.21 -11.06
N ILE A 211 -8.03 -1.16 -11.27
CA ILE A 211 -7.80 -0.14 -10.25
C ILE A 211 -8.45 1.16 -10.72
N ASP A 212 -9.48 1.59 -9.98
CA ASP A 212 -10.26 2.77 -10.35
C ASP A 212 -9.73 4.05 -9.72
N GLY A 213 -8.66 3.97 -8.96
CA GLY A 213 -8.08 5.11 -8.28
C GLY A 213 -7.37 4.64 -7.03
N LEU A 214 -6.88 5.61 -6.26
CA LEU A 214 -6.12 5.38 -5.04
C LEU A 214 -6.81 6.06 -3.86
N LEU A 215 -6.67 5.45 -2.69
CA LEU A 215 -7.11 6.07 -1.44
C LEU A 215 -5.89 6.16 -0.52
N GLY A 216 -5.34 7.36 -0.39
CA GLY A 216 -4.13 7.57 0.38
C GLY A 216 -4.38 7.53 1.88
N LEU A 217 -3.46 6.88 2.58
CA LEU A 217 -3.52 6.67 4.02
C LEU A 217 -2.22 7.05 4.73
N ALA A 218 -1.31 7.75 4.04
CA ALA A 218 -0.17 8.38 4.69
C ALA A 218 -0.63 9.69 5.33
N PHE A 219 0.31 10.51 5.79
CA PHE A 219 -0.06 11.70 6.54
C PHE A 219 -0.47 12.82 5.59
N SER A 220 -1.41 13.65 6.06
CA SER A 220 -2.01 14.64 5.16
C SER A 220 -1.02 15.69 4.69
N THR A 221 0.14 15.81 5.35
CA THR A 221 1.16 16.73 4.85
C THR A 221 1.63 16.40 3.43
N LEU A 222 1.46 15.17 2.96
CA LEU A 222 1.83 14.80 1.59
C LEU A 222 0.73 15.08 0.56
N ASN A 223 -0.46 15.50 0.98
CA ASN A 223 -1.54 15.68 0.01
C ASN A 223 -1.16 16.76 -1.01
N THR A 224 -1.45 16.49 -2.29
CA THR A 224 -0.98 17.38 -3.35
C THR A 224 -1.96 18.46 -3.76
N VAL A 225 -3.14 18.57 -3.17
CA VAL A 225 -4.10 19.56 -3.64
C VAL A 225 -3.55 20.95 -3.40
N SER A 226 -3.68 21.80 -4.41
CA SER A 226 -3.25 23.18 -4.43
C SER A 226 -4.40 24.06 -4.86
N PRO A 227 -4.56 25.27 -4.28
CA PRO A 227 -3.66 25.91 -3.34
C PRO A 227 -3.95 25.59 -1.87
N THR A 228 -4.97 24.78 -1.61
CA THR A 228 -5.35 24.44 -0.23
C THR A 228 -5.25 22.93 -0.07
N GLN A 229 -4.27 22.48 0.70
N GLN A 229 -4.25 22.48 0.67
CA GLN A 229 -4.06 21.06 0.94
CA GLN A 229 -4.09 21.04 0.88
C GLN A 229 -5.27 20.45 1.65
C GLN A 229 -5.31 20.47 1.58
N GLN A 230 -5.61 19.22 1.26
CA GLN A 230 -6.77 18.51 1.77
C GLN A 230 -6.37 17.33 2.64
N LYS A 231 -7.32 16.91 3.47
CA LYS A 231 -7.11 15.84 4.44
C LYS A 231 -7.46 14.47 3.86
N THR A 232 -6.75 13.46 4.33
CA THR A 232 -7.06 12.08 3.95
C THR A 232 -8.37 11.62 4.57
N PHE A 233 -8.89 10.53 4.00
CA PHE A 233 -10.08 9.89 4.53
C PHE A 233 -9.92 9.55 6.00
N PHE A 234 -8.76 8.99 6.37
CA PHE A 234 -8.52 8.62 7.76
C PHE A 234 -8.49 9.85 8.65
N ASP A 235 -7.81 10.92 8.22
N ASP A 235 -7.79 10.90 8.20
CA ASP A 235 -7.77 12.11 9.06
CA ASP A 235 -7.73 12.15 8.96
C ASP A 235 -9.16 12.70 9.26
C ASP A 235 -9.12 12.71 9.22
N ASN A 236 -9.98 12.70 8.21
CA ASN A 236 -11.34 13.19 8.36
C ASN A 236 -12.19 12.30 9.27
N ALA A 237 -11.96 10.98 9.24
CA ALA A 237 -12.77 10.06 10.04
C ALA A 237 -12.30 9.97 11.47
N LYS A 238 -11.07 10.36 11.77
N LYS A 238 -11.03 10.28 11.72
CA LYS A 238 -10.42 9.92 13.00
CA LYS A 238 -10.32 10.11 12.98
C LYS A 238 -11.19 10.31 14.25
C LYS A 238 -11.20 10.32 14.18
N ALA A 239 -11.71 11.55 14.32
CA ALA A 239 -12.37 11.97 15.54
C ALA A 239 -13.61 11.16 15.84
N SER A 240 -14.26 10.65 14.81
N SER A 240 -14.27 10.65 14.81
CA SER A 240 -15.49 9.89 14.98
CA SER A 240 -15.50 9.88 14.97
C SER A 240 -15.22 8.43 15.30
C SER A 240 -15.25 8.40 15.24
N LEU A 241 -14.02 7.92 15.02
CA LEU A 241 -13.73 6.51 15.21
C LEU A 241 -13.69 6.14 16.68
N ASP A 242 -14.05 4.89 16.98
CA ASP A 242 -13.99 4.43 18.35
C ASP A 242 -12.57 4.56 18.90
N SER A 243 -11.57 4.30 18.07
CA SER A 243 -10.15 4.44 18.39
CA SER A 243 -10.16 4.45 18.40
C SER A 243 -9.50 4.98 17.12
N PRO A 244 -8.49 5.85 17.25
CA PRO A 244 -7.92 6.52 16.06
C PRO A 244 -6.90 5.66 15.33
N VAL A 245 -7.37 4.56 14.77
CA VAL A 245 -6.51 3.53 14.19
C VAL A 245 -7.16 2.97 12.93
N PHE A 246 -6.33 2.41 12.06
CA PHE A 246 -6.81 1.50 11.03
C PHE A 246 -5.84 0.34 10.97
N THR A 247 -6.32 -0.80 10.45
CA THR A 247 -5.48 -1.99 10.36
C THR A 247 -5.52 -2.54 8.94
N ALA A 248 -4.38 -3.07 8.52
CA ALA A 248 -4.21 -3.73 7.25
C ALA A 248 -3.92 -5.21 7.48
N ASP A 249 -4.75 -6.05 6.86
CA ASP A 249 -4.62 -7.51 6.95
C ASP A 249 -4.71 -8.04 5.53
N LEU A 250 -3.60 -7.94 4.80
CA LEU A 250 -3.58 -8.32 3.40
C LEU A 250 -3.39 -9.82 3.29
N GLY A 251 -4.08 -10.44 2.35
CA GLY A 251 -3.98 -11.86 2.14
C GLY A 251 -2.91 -12.25 1.13
N TYR A 252 -2.42 -13.47 1.27
CA TYR A 252 -1.56 -14.09 0.26
C TYR A 252 -2.48 -14.92 -0.64
N HIS A 253 -2.61 -14.51 -1.88
CA HIS A 253 -3.44 -15.23 -2.84
C HIS A 253 -4.86 -15.39 -2.33
N ALA A 254 -5.36 -14.40 -1.61
CA ALA A 254 -6.64 -14.51 -0.93
C ALA A 254 -7.09 -13.13 -0.50
N PRO A 255 -8.38 -12.95 -0.28
CA PRO A 255 -8.86 -11.67 0.27
C PRO A 255 -8.37 -11.44 1.69
N GLY A 256 -8.45 -10.17 2.08
CA GLY A 256 -8.06 -9.71 3.40
C GLY A 256 -8.96 -8.57 3.80
N THR A 257 -8.52 -7.77 4.76
CA THR A 257 -9.41 -6.79 5.38
C THR A 257 -8.66 -5.51 5.75
N TYR A 258 -9.32 -4.37 5.50
CA TYR A 258 -8.98 -3.09 6.11
C TYR A 258 -10.06 -2.75 7.11
N ASN A 259 -9.67 -2.53 8.37
CA ASN A 259 -10.58 -2.08 9.41
C ASN A 259 -10.22 -0.68 9.86
N PHE A 260 -11.24 0.10 10.19
CA PHE A 260 -11.09 1.46 10.70
C PHE A 260 -11.75 1.55 12.06
N GLY A 261 -10.99 2.02 13.06
CA GLY A 261 -11.55 2.36 14.35
C GLY A 261 -11.51 1.28 15.40
N PHE A 262 -11.02 0.08 15.08
CA PHE A 262 -10.98 -1.01 16.04
C PHE A 262 -9.93 -2.02 15.62
N ILE A 263 -9.47 -2.81 16.59
N ILE A 263 -9.44 -2.75 16.63
CA ILE A 263 -8.50 -3.86 16.39
CA ILE A 263 -8.56 -3.90 16.49
C ILE A 263 -9.20 -5.20 16.63
C ILE A 263 -9.41 -5.15 16.58
N ASP A 264 -9.31 -6.00 15.57
CA ASP A 264 -9.98 -7.31 15.61
C ASP A 264 -9.01 -8.29 16.25
N THR A 265 -9.23 -8.59 17.53
CA THR A 265 -8.28 -9.44 18.25
C THR A 265 -8.35 -10.89 17.81
N THR A 266 -9.29 -11.27 16.94
CA THR A 266 -9.32 -12.61 16.38
C THR A 266 -8.51 -12.73 15.11
N ALA A 267 -7.95 -11.64 14.60
CA ALA A 267 -7.34 -11.62 13.28
C ALA A 267 -5.84 -11.88 13.31
N TYR A 268 -5.25 -12.09 14.48
CA TYR A 268 -3.82 -12.31 14.59
C TYR A 268 -3.55 -13.31 15.69
N THR A 269 -2.33 -13.81 15.73
CA THR A 269 -1.86 -14.71 16.77
C THR A 269 -0.88 -13.95 17.66
N GLY A 270 -0.70 -14.45 18.88
CA GLY A 270 0.25 -13.82 19.78
C GLY A 270 -0.16 -12.39 20.10
N SER A 271 0.86 -11.54 20.29
N SER A 271 0.84 -11.54 20.30
CA SER A 271 0.64 -10.14 20.65
CA SER A 271 0.63 -10.15 20.65
C SER A 271 1.05 -9.22 19.51
C SER A 271 1.04 -9.22 19.51
N ILE A 272 0.54 -8.00 19.57
CA ILE A 272 0.94 -6.94 18.66
C ILE A 272 2.12 -6.22 19.30
N THR A 273 3.24 -6.13 18.57
CA THR A 273 4.38 -5.36 19.01
C THR A 273 4.35 -4.00 18.33
N TYR A 274 4.35 -2.96 19.14
CA TYR A 274 4.32 -1.59 18.66
C TYR A 274 5.72 -1.02 18.58
N THR A 275 5.91 -0.13 17.60
CA THR A 275 7.21 0.45 17.31
C THR A 275 7.03 1.91 16.91
N ALA A 276 8.06 2.72 17.18
CA ALA A 276 7.97 4.15 16.96
C ALA A 276 7.88 4.51 15.48
N VAL A 277 7.19 5.61 15.20
CA VAL A 277 7.02 6.14 13.85
C VAL A 277 7.57 7.56 13.80
N SER A 278 8.28 7.87 12.72
CA SER A 278 8.61 9.24 12.37
C SER A 278 7.68 9.69 11.25
N THR A 279 7.02 10.83 11.44
CA THR A 279 6.16 11.42 10.42
C THR A 279 6.86 12.52 9.64
N LYS A 280 8.17 12.69 9.81
CA LYS A 280 8.86 13.85 9.27
C LYS A 280 8.90 13.87 7.75
N GLN A 281 8.81 12.72 7.08
CA GLN A 281 8.70 12.65 5.63
C GLN A 281 7.27 12.39 5.17
N GLY A 282 6.30 12.41 6.08
CA GLY A 282 4.91 12.19 5.77
C GLY A 282 4.49 10.74 5.65
N PHE A 283 5.38 9.79 5.92
CA PHE A 283 5.14 8.37 5.78
C PHE A 283 5.02 7.72 7.15
N TRP A 284 4.51 6.48 7.14
CA TRP A 284 4.56 5.60 8.31
C TRP A 284 5.95 4.97 8.33
N GLU A 285 6.91 5.77 8.81
CA GLU A 285 8.32 5.43 8.75
C GLU A 285 8.75 4.90 10.11
N TRP A 286 9.45 3.77 10.10
CA TRP A 286 9.80 3.06 11.33
C TRP A 286 11.16 2.39 11.12
N THR A 287 11.68 1.74 12.16
CA THR A 287 13.00 1.11 12.11
C THR A 287 12.88 -0.35 12.51
N SER A 288 13.06 -1.24 11.54
CA SER A 288 13.14 -2.66 11.83
C SER A 288 14.44 -2.96 12.55
N THR A 289 14.41 -3.97 13.41
CA THR A 289 15.56 -4.33 14.23
C THR A 289 16.47 -5.36 13.59
N GLY A 290 16.14 -5.89 12.41
CA GLY A 290 17.06 -6.76 11.71
C GLY A 290 16.35 -7.78 10.85
N TYR A 291 17.08 -8.81 10.44
CA TYR A 291 16.51 -9.77 9.52
C TYR A 291 17.21 -11.12 9.65
N ALA A 292 16.54 -12.14 9.10
CA ALA A 292 17.14 -13.44 8.88
C ALA A 292 16.70 -13.98 7.52
N VAL A 293 17.53 -14.83 6.94
CA VAL A 293 17.24 -15.50 5.68
C VAL A 293 17.02 -16.98 5.98
N GLY A 294 15.84 -17.50 5.64
CA GLY A 294 15.54 -18.89 5.91
C GLY A 294 15.75 -19.21 7.37
N SER A 295 16.42 -20.33 7.63
CA SER A 295 16.71 -20.78 8.98
CA SER A 295 16.71 -20.78 8.98
C SER A 295 17.99 -20.17 9.53
N GLY A 296 18.56 -19.19 8.86
CA GLY A 296 19.80 -18.59 9.28
C GLY A 296 19.69 -17.74 10.52
N THR A 297 20.86 -17.34 11.01
N THR A 297 20.84 -17.35 11.04
CA THR A 297 20.97 -16.50 12.20
CA THR A 297 20.86 -16.58 12.28
C THR A 297 20.28 -15.17 11.95
C THR A 297 20.39 -15.15 12.03
N PHE A 298 19.67 -14.62 13.01
CA PHE A 298 19.11 -13.28 12.91
C PHE A 298 20.25 -12.26 13.02
N LYS A 299 20.25 -11.31 12.11
CA LYS A 299 21.23 -10.22 12.08
C LYS A 299 20.58 -8.99 12.68
N SER A 300 21.10 -8.54 13.82
CA SER A 300 20.57 -7.36 14.47
C SER A 300 21.17 -6.13 13.80
N THR A 301 20.32 -5.33 13.17
CA THR A 301 20.78 -4.16 12.45
C THR A 301 19.56 -3.28 12.18
N SER A 302 19.72 -1.98 12.32
CA SER A 302 18.60 -1.07 12.14
C SER A 302 18.33 -0.83 10.68
N ILE A 303 17.08 -1.01 10.27
CA ILE A 303 16.66 -0.78 8.89
C ILE A 303 15.48 0.18 8.91
N ASP A 304 15.75 1.44 8.58
CA ASP A 304 14.70 2.46 8.51
CA ASP A 304 14.70 2.46 8.51
C ASP A 304 13.93 2.29 7.20
N GLY A 305 12.61 2.26 7.29
CA GLY A 305 11.82 2.16 6.07
C GLY A 305 10.38 2.54 6.33
N ILE A 306 9.57 2.45 5.29
CA ILE A 306 8.17 2.85 5.38
C ILE A 306 7.25 1.65 5.20
N ALA A 307 6.14 1.65 5.95
CA ALA A 307 5.09 0.67 5.77
C ALA A 307 4.16 1.18 4.68
N ASP A 308 4.21 0.55 3.50
CA ASP A 308 3.60 1.09 2.28
C ASP A 308 2.75 0.04 1.56
N THR A 309 1.45 0.06 1.83
CA THR A 309 0.56 -0.89 1.18
C THR A 309 0.43 -0.66 -0.31
N GLY A 310 0.80 0.51 -0.80
CA GLY A 310 0.73 0.81 -2.21
C GLY A 310 1.92 0.37 -3.02
N THR A 311 2.95 -0.18 -2.38
CA THR A 311 4.10 -0.76 -3.07
C THR A 311 4.00 -2.27 -2.96
N THR A 312 4.18 -2.96 -4.09
CA THR A 312 3.96 -4.42 -4.09
C THR A 312 5.09 -5.16 -3.38
N LEU A 313 6.34 -4.79 -3.65
CA LEU A 313 7.49 -5.57 -3.24
C LEU A 313 8.14 -5.03 -1.97
N LEU A 314 9.14 -5.77 -1.50
CA LEU A 314 9.93 -5.43 -0.33
C LEU A 314 11.29 -4.93 -0.83
N TYR A 315 11.57 -3.64 -0.60
CA TYR A 315 12.79 -2.99 -1.07
C TYR A 315 13.68 -2.71 0.14
N LEU A 316 14.86 -3.33 0.15
CA LEU A 316 15.76 -3.30 1.29
C LEU A 316 17.18 -3.01 0.85
N PRO A 317 18.08 -2.73 1.78
CA PRO A 317 19.44 -2.37 1.37
C PRO A 317 20.11 -3.48 0.57
N ALA A 318 21.00 -3.08 -0.32
CA ALA A 318 21.65 -4.03 -1.22
C ALA A 318 22.34 -5.16 -0.48
N THR A 319 22.94 -4.88 0.67
CA THR A 319 23.62 -5.93 1.42
C THR A 319 22.64 -7.01 1.86
N VAL A 320 21.46 -6.60 2.33
CA VAL A 320 20.45 -7.52 2.82
C VAL A 320 19.90 -8.35 1.67
N VAL A 321 19.62 -7.69 0.57
CA VAL A 321 19.04 -8.36 -0.60
C VAL A 321 20.03 -9.34 -1.20
N SER A 322 21.32 -8.97 -1.24
CA SER A 322 22.33 -9.90 -1.73
C SER A 322 22.39 -11.15 -0.85
N ALA A 323 22.33 -10.96 0.47
CA ALA A 323 22.34 -12.09 1.39
C ALA A 323 21.14 -13.02 1.17
N TYR A 324 19.97 -12.44 0.86
CA TYR A 324 18.81 -13.29 0.61
C TYR A 324 19.00 -14.11 -0.67
N TRP A 325 19.30 -13.44 -1.78
CA TRP A 325 19.33 -14.16 -3.06
C TRP A 325 20.52 -15.11 -3.18
N ALA A 326 21.56 -14.91 -2.39
CA ALA A 326 22.67 -15.85 -2.36
C ALA A 326 22.23 -17.22 -1.91
N GLN A 327 21.07 -17.33 -1.25
CA GLN A 327 20.57 -18.62 -0.79
C GLN A 327 19.68 -19.30 -1.83
N VAL A 328 19.56 -18.74 -3.03
CA VAL A 328 18.72 -19.28 -4.09
C VAL A 328 19.63 -19.63 -5.25
N SER A 329 19.79 -20.93 -5.53
CA SER A 329 20.69 -21.36 -6.59
CA SER A 329 20.71 -21.33 -6.58
C SER A 329 20.23 -20.79 -7.93
N GLY A 330 21.12 -20.13 -8.62
CA GLY A 330 20.84 -19.60 -9.92
C GLY A 330 20.27 -18.20 -9.93
N ALA A 331 19.98 -17.62 -8.77
CA ALA A 331 19.46 -16.25 -8.74
C ALA A 331 20.55 -15.26 -9.11
N LYS A 332 20.15 -14.17 -9.74
N LYS A 332 20.16 -14.21 -9.83
CA LYS A 332 21.09 -13.16 -10.16
CA LYS A 332 21.09 -13.17 -10.24
C LYS A 332 20.36 -11.84 -10.32
C LYS A 332 20.35 -11.84 -10.28
N SER A 333 21.10 -10.75 -10.19
CA SER A 333 20.58 -9.43 -10.47
C SER A 333 20.74 -9.15 -11.96
N SER A 334 19.63 -8.87 -12.62
CA SER A 334 19.58 -8.66 -14.05
C SER A 334 19.35 -7.17 -14.32
N SER A 335 20.33 -6.51 -14.92
CA SER A 335 20.15 -5.10 -15.26
CA SER A 335 20.15 -5.10 -15.27
C SER A 335 19.07 -4.92 -16.32
N SER A 336 18.98 -5.87 -17.26
CA SER A 336 17.98 -5.74 -18.33
C SER A 336 16.56 -5.92 -17.81
N VAL A 337 16.38 -6.82 -16.84
CA VAL A 337 15.05 -7.04 -16.30
C VAL A 337 14.70 -6.00 -15.25
N GLY A 338 15.69 -5.49 -14.54
CA GLY A 338 15.47 -4.49 -13.52
C GLY A 338 15.42 -5.01 -12.11
N GLY A 339 16.10 -6.11 -11.83
CA GLY A 339 16.22 -6.58 -10.46
C GLY A 339 16.65 -8.03 -10.43
N TYR A 340 16.56 -8.59 -9.23
CA TYR A 340 16.87 -10.00 -9.03
C TYR A 340 15.80 -10.87 -9.66
N VAL A 341 16.28 -11.89 -10.38
CA VAL A 341 15.47 -12.93 -10.98
C VAL A 341 16.03 -14.27 -10.50
N PHE A 342 15.21 -15.30 -10.61
CA PHE A 342 15.61 -16.61 -10.11
C PHE A 342 14.91 -17.69 -10.92
N PRO A 343 15.45 -18.90 -10.92
CA PRO A 343 14.81 -19.97 -11.70
C PRO A 343 13.43 -20.28 -11.16
N CYS A 344 12.45 -20.37 -12.05
CA CYS A 344 11.09 -20.61 -11.59
C CYS A 344 10.96 -21.96 -10.88
N SER A 345 11.89 -22.90 -11.11
CA SER A 345 11.89 -24.19 -10.44
C SER A 345 12.39 -24.13 -9.00
N ALA A 346 12.89 -22.98 -8.54
CA ALA A 346 13.41 -22.90 -7.19
C ALA A 346 12.30 -22.91 -6.14
N THR A 347 12.64 -23.44 -4.97
CA THR A 347 11.87 -23.24 -3.76
C THR A 347 12.56 -22.16 -2.94
N LEU A 348 11.86 -21.05 -2.68
CA LEU A 348 12.51 -19.89 -2.07
C LEU A 348 12.56 -20.03 -0.55
N PRO A 349 13.62 -19.54 0.08
CA PRO A 349 13.66 -19.48 1.54
C PRO A 349 12.77 -18.35 2.07
N SER A 350 12.36 -18.50 3.32
CA SER A 350 11.64 -17.43 3.98
C SER A 350 12.57 -16.24 4.25
N PHE A 351 11.96 -15.12 4.62
CA PHE A 351 12.67 -13.92 5.04
C PHE A 351 12.01 -13.40 6.31
N THR A 352 12.79 -13.20 7.36
CA THR A 352 12.27 -12.72 8.63
C THR A 352 12.73 -11.28 8.84
N PHE A 353 11.80 -10.41 9.29
CA PHE A 353 12.19 -9.08 9.72
C PHE A 353 11.82 -8.85 11.17
N GLY A 354 12.61 -8.02 11.85
CA GLY A 354 12.38 -7.72 13.25
C GLY A 354 11.50 -6.49 13.47
N VAL A 355 10.64 -6.60 14.48
CA VAL A 355 9.85 -5.49 14.99
C VAL A 355 10.13 -5.50 16.49
N GLY A 356 10.99 -4.62 16.96
CA GLY A 356 11.45 -4.75 18.34
C GLY A 356 12.05 -6.14 18.52
N SER A 357 11.68 -6.81 19.61
CA SER A 357 12.15 -8.17 19.85
CA SER A 357 12.13 -8.17 19.86
C SER A 357 11.31 -9.21 19.11
N ALA A 358 10.23 -8.80 18.46
CA ALA A 358 9.36 -9.72 17.73
C ALA A 358 9.89 -9.96 16.33
N ARG A 359 9.36 -10.99 15.69
CA ARG A 359 9.85 -11.43 14.39
C ARG A 359 8.65 -11.74 13.51
N ILE A 360 8.66 -11.22 12.29
CA ILE A 360 7.64 -11.52 11.29
C ILE A 360 8.30 -12.34 10.19
N VAL A 361 7.73 -13.51 9.91
CA VAL A 361 8.29 -14.44 8.93
C VAL A 361 7.50 -14.36 7.64
N ILE A 362 8.17 -13.97 6.56
CA ILE A 362 7.60 -13.96 5.22
C ILE A 362 7.90 -15.32 4.58
N PRO A 363 6.90 -16.16 4.33
CA PRO A 363 7.20 -17.44 3.68
C PRO A 363 7.82 -17.24 2.31
N GLY A 364 8.68 -18.18 1.92
CA GLY A 364 9.33 -18.10 0.63
C GLY A 364 8.38 -17.90 -0.54
N ASP A 365 7.23 -18.57 -0.51
N ASP A 365 7.23 -18.57 -0.53
CA ASP A 365 6.32 -18.47 -1.65
CA ASP A 365 6.38 -18.44 -1.72
C ASP A 365 5.85 -17.03 -1.87
C ASP A 365 5.73 -17.06 -1.83
N TYR A 366 5.82 -16.21 -0.80
CA TYR A 366 5.36 -14.84 -0.94
C TYR A 366 6.32 -14.00 -1.79
N ILE A 367 7.54 -14.49 -1.99
CA ILE A 367 8.60 -13.76 -2.67
C ILE A 367 8.68 -14.11 -4.16
N ASP A 368 7.81 -14.99 -4.63
CA ASP A 368 7.80 -15.39 -6.04
C ASP A 368 6.77 -14.54 -6.79
N PHE A 369 7.25 -13.73 -7.75
CA PHE A 369 6.38 -12.90 -8.57
C PHE A 369 6.28 -13.40 -10.01
N GLY A 370 6.62 -14.67 -10.24
CA GLY A 370 6.27 -15.34 -11.47
C GLY A 370 7.18 -14.99 -12.63
N PRO A 371 6.89 -15.61 -13.76
CA PRO A 371 7.76 -15.44 -14.94
C PRO A 371 7.94 -13.98 -15.32
N ILE A 372 9.18 -13.64 -15.71
CA ILE A 372 9.48 -12.25 -16.07
C ILE A 372 8.67 -11.81 -17.29
N SER A 373 8.38 -12.74 -18.19
CA SER A 373 7.53 -12.54 -19.36
C SER A 373 6.81 -13.86 -19.57
N THR A 374 5.68 -13.81 -20.25
CA THR A 374 4.89 -15.02 -20.41
C THR A 374 5.70 -16.15 -21.01
N GLY A 375 5.66 -17.30 -20.36
CA GLY A 375 6.34 -18.47 -20.83
C GLY A 375 7.79 -18.60 -20.42
N SER A 376 8.37 -17.59 -19.77
CA SER A 376 9.75 -17.67 -19.34
C SER A 376 9.89 -18.57 -18.13
N SER A 377 11.06 -19.22 -18.01
CA SER A 377 11.40 -19.97 -16.81
C SER A 377 12.26 -19.17 -15.84
N SER A 378 12.44 -17.89 -16.09
CA SER A 378 13.04 -16.96 -15.14
CA SER A 378 13.05 -16.95 -15.15
C SER A 378 11.93 -16.18 -14.46
N CYS A 379 11.99 -16.12 -13.14
CA CYS A 379 10.94 -15.55 -12.31
C CYS A 379 11.46 -14.30 -11.59
N PHE A 380 10.56 -13.35 -11.36
CA PHE A 380 10.93 -12.09 -10.74
C PHE A 380 10.83 -12.16 -9.23
N GLY A 381 11.88 -11.69 -8.56
CA GLY A 381 11.90 -11.75 -7.11
C GLY A 381 11.08 -10.67 -6.42
N GLY A 382 10.57 -11.02 -5.24
CA GLY A 382 9.75 -10.11 -4.45
C GLY A 382 10.49 -9.29 -3.44
N ILE A 383 11.79 -9.52 -3.29
CA ILE A 383 12.71 -8.74 -2.47
C ILE A 383 13.73 -8.14 -3.43
N GLN A 384 13.83 -6.80 -3.42
CA GLN A 384 14.65 -6.09 -4.37
C GLN A 384 15.43 -5.01 -3.63
N SER A 385 16.51 -4.54 -4.26
CA SER A 385 17.33 -3.51 -3.64
C SER A 385 16.64 -2.16 -3.66
N SER A 386 16.78 -1.43 -2.55
CA SER A 386 16.30 -0.06 -2.49
C SER A 386 17.35 0.94 -2.93
N ALA A 387 18.54 0.48 -3.32
N ALA A 387 18.51 0.48 -3.39
CA ALA A 387 19.55 1.40 -3.81
CA ALA A 387 19.62 1.40 -3.64
C ALA A 387 19.05 2.08 -5.08
C ALA A 387 19.22 2.56 -4.54
N GLY A 388 19.05 3.41 -5.06
N GLY A 388 18.44 2.32 -5.59
CA GLY A 388 18.44 4.17 -6.13
CA GLY A 388 18.05 3.40 -6.49
C GLY A 388 16.99 4.49 -5.90
C GLY A 388 17.03 4.37 -5.92
N ILE A 389 16.37 3.99 -4.83
CA ILE A 389 15.10 4.58 -4.38
C ILE A 389 15.33 5.69 -3.37
N GLY A 390 16.32 5.53 -2.51
CA GLY A 390 16.56 6.48 -1.44
C GLY A 390 15.81 6.20 -0.16
N ILE A 391 14.99 5.15 -0.12
CA ILE A 391 14.28 4.77 1.09
C ILE A 391 13.99 3.28 0.99
N ASN A 392 14.01 2.60 2.14
CA ASN A 392 13.58 1.22 2.19
C ASN A 392 12.06 1.16 2.31
N ILE A 393 11.46 0.17 1.67
CA ILE A 393 10.01 0.10 1.57
C ILE A 393 9.53 -1.28 1.98
N PHE A 394 8.81 -1.34 3.10
CA PHE A 394 8.10 -2.54 3.53
C PHE A 394 6.75 -2.54 2.83
N GLY A 395 6.76 -3.05 1.58
CA GLY A 395 5.58 -3.15 0.76
C GLY A 395 4.76 -4.39 1.05
N ASP A 396 3.86 -4.70 0.13
CA ASP A 396 2.89 -5.77 0.37
C ASP A 396 3.55 -7.10 0.72
N VAL A 397 4.68 -7.43 0.08
CA VAL A 397 5.37 -8.70 0.37
C VAL A 397 5.61 -8.86 1.86
N ALA A 398 6.05 -7.79 2.53
CA ALA A 398 6.26 -7.82 3.97
C ALA A 398 4.96 -7.70 4.75
N LEU A 399 4.12 -6.71 4.37
CA LEU A 399 2.95 -6.42 5.19
C LEU A 399 1.94 -7.57 5.18
N LYS A 400 1.82 -8.31 4.07
CA LYS A 400 0.84 -9.38 4.03
CA LYS A 400 0.86 -9.40 3.99
C LYS A 400 1.21 -10.56 4.91
N ALA A 401 2.45 -10.62 5.41
CA ALA A 401 2.82 -11.63 6.40
C ALA A 401 2.41 -11.25 7.82
N ALA A 402 1.78 -10.09 8.01
CA ALA A 402 1.47 -9.59 9.33
C ALA A 402 0.08 -9.01 9.39
N PHE A 403 -0.42 -8.84 10.61
CA PHE A 403 -1.54 -7.97 10.92
C PHE A 403 -0.91 -6.65 11.37
N VAL A 404 -1.22 -5.56 10.66
CA VAL A 404 -0.52 -4.30 10.84
C VAL A 404 -1.48 -3.23 11.35
N VAL A 405 -1.12 -2.62 12.48
CA VAL A 405 -1.89 -1.53 13.08
C VAL A 405 -1.23 -0.21 12.75
N PHE A 406 -1.99 0.68 12.12
CA PHE A 406 -1.58 2.06 11.85
C PHE A 406 -2.28 2.89 12.92
N ASN A 407 -1.55 3.22 13.98
N ASN A 407 -1.56 3.21 13.98
CA ASN A 407 -2.10 3.92 15.13
CA ASN A 407 -2.12 3.92 15.12
C ASN A 407 -1.92 5.42 14.93
C ASN A 407 -1.92 5.42 14.93
N GLY A 408 -3.02 6.12 14.68
CA GLY A 408 -3.00 7.54 14.41
C GLY A 408 -3.34 8.41 15.60
N ALA A 409 -2.96 7.95 16.79
CA ALA A 409 -3.01 8.76 17.99
C ALA A 409 -2.09 9.98 17.83
N THR A 410 -2.15 10.86 18.83
CA THR A 410 -1.40 12.11 18.79
C THR A 410 0.06 11.87 18.44
N THR A 411 0.67 10.86 19.05
CA THR A 411 1.97 10.36 18.61
C THR A 411 1.75 9.05 17.90
N PRO A 412 1.78 9.02 16.58
CA PRO A 412 1.50 7.77 15.87
C PRO A 412 2.53 6.68 16.16
N THR A 413 2.07 5.43 16.08
CA THR A 413 2.93 4.26 16.18
C THR A 413 2.42 3.22 15.18
N LEU A 414 3.24 2.20 14.93
N LEU A 414 3.17 2.13 15.07
CA LEU A 414 2.86 1.05 14.13
CA LEU A 414 2.91 1.06 14.11
C LEU A 414 2.90 -0.18 15.02
C LEU A 414 3.03 -0.26 14.84
N GLY A 415 1.98 -1.09 14.76
CA GLY A 415 1.96 -2.38 15.42
C GLY A 415 2.00 -3.52 14.40
N PHE A 416 2.74 -4.58 14.74
CA PHE A 416 2.81 -5.76 13.91
C PHE A 416 2.55 -7.00 14.75
N ALA A 417 1.70 -7.89 14.25
CA ALA A 417 1.49 -9.21 14.81
C ALA A 417 1.61 -10.25 13.72
N SER A 418 2.03 -11.45 14.10
CA SER A 418 1.91 -12.60 13.21
C SER A 418 0.44 -13.01 13.11
N LYS A 419 0.13 -13.81 12.10
CA LYS A 419 -1.27 -14.19 11.89
C LYS A 419 -1.39 -15.56 11.25
#